data_7TLW
#
_entry.id   7TLW
#
_cell.length_a   61.999
_cell.length_b   80.162
_cell.length_c   51.585
_cell.angle_alpha   90.000
_cell.angle_beta   90.000
_cell.angle_gamma   90.000
#
_symmetry.space_group_name_H-M   'C 2 2 21'
#
loop_
_entity.id
_entity.type
_entity.pdbx_description
1 polymer 'Meteorin-like protein'
2 non-polymer 'IODIDE ION'
3 water water
#
_entity_poly.entity_id   1
_entity_poly.type   'polypeptide(L)'
_entity_poly.pdbx_seq_one_letter_code
;LMSGQRGLDLHVLSAPCRPCSDTEVLLAICTSDFVVRGFIEDVTHVPEQQVSVIYLRVNRLHRQKSRVFQPAPEDSGHWL
GHVTTLLQCGVRPGHGEFLFTGHVHFGEAQLGCAPRFSDFQRMYRKAEEMGINPCEINME
;
_entity_poly.pdbx_strand_id   A
#
# COMPACT_ATOMS: atom_id res chain seq x y z
N CYS A 17 11.67 9.71 -1.30
CA CYS A 17 11.28 9.26 0.03
C CYS A 17 10.32 10.23 0.71
N ARG A 18 10.13 11.41 0.12
CA ARG A 18 9.07 12.27 0.58
C ARG A 18 7.74 11.53 0.45
N PRO A 19 6.83 11.67 1.41
CA PRO A 19 5.50 11.08 1.22
C PRO A 19 4.83 11.64 -0.03
N CYS A 20 3.96 10.81 -0.60
CA CYS A 20 3.07 11.28 -1.65
C CYS A 20 2.26 12.47 -1.14
N SER A 21 2.04 13.45 -2.01
CA SER A 21 1.10 14.51 -1.71
C SER A 21 -0.32 13.96 -1.65
N ASP A 22 -1.20 14.72 -1.00
CA ASP A 22 -2.61 14.34 -0.98
C ASP A 22 -3.17 14.22 -2.40
N THR A 23 -2.78 15.12 -3.30
CA THR A 23 -3.22 15.00 -4.69
C THR A 23 -2.77 13.68 -5.29
N GLU A 24 -1.50 13.31 -5.04
CA GLU A 24 -0.97 12.07 -5.59
C GLU A 24 -1.72 10.86 -5.04
N VAL A 25 -2.05 10.88 -3.75
CA VAL A 25 -2.80 9.75 -3.18
C VAL A 25 -4.19 9.67 -3.79
N LEU A 26 -4.85 10.80 -3.99
CA LEU A 26 -6.21 10.75 -4.52
C LEU A 26 -6.24 10.19 -5.92
N LEU A 27 -5.25 10.53 -6.74
CA LEU A 27 -5.14 9.96 -8.08
C LEU A 27 -4.76 8.49 -8.01
N ALA A 28 -3.88 8.13 -7.08
CA ALA A 28 -3.38 6.77 -6.98
C ALA A 28 -4.49 5.79 -6.67
N ILE A 29 -5.42 6.17 -5.79
CA ILE A 29 -6.45 5.20 -5.43
C ILE A 29 -7.37 4.93 -6.62
N CYS A 30 -7.35 5.80 -7.63
CA CYS A 30 -8.13 5.56 -8.84
C CYS A 30 -7.36 4.81 -9.92
N THR A 31 -6.05 5.03 -10.06
CA THR A 31 -5.30 4.53 -11.20
C THR A 31 -4.26 3.46 -10.89
N SER A 32 -3.84 3.31 -9.65
CA SER A 32 -2.78 2.38 -9.31
C SER A 32 -3.22 0.93 -9.50
N ASP A 33 -2.24 0.09 -9.82
CA ASP A 33 -2.54 -1.32 -10.04
C ASP A 33 -3.07 -1.99 -8.77
N PHE A 34 -2.54 -1.61 -7.60
CA PHE A 34 -3.06 -2.17 -6.35
C PHE A 34 -3.29 -1.08 -5.30
N VAL A 35 -4.31 -1.31 -4.48
CA VAL A 35 -4.75 -0.44 -3.40
C VAL A 35 -5.21 -1.38 -2.29
N VAL A 36 -4.52 -1.37 -1.15
CA VAL A 36 -4.82 -2.28 -0.04
C VAL A 36 -4.61 -1.55 1.27
N ARG A 37 -5.38 -1.93 2.28
CA ARG A 37 -5.19 -1.49 3.64
C ARG A 37 -4.54 -2.63 4.42
N GLY A 38 -3.53 -2.32 5.21
CA GLY A 38 -2.94 -3.37 6.01
C GLY A 38 -1.78 -2.92 6.84
N PHE A 39 -0.97 -3.92 7.22
N PHE A 39 -0.98 -3.90 7.25
CA PHE A 39 0.13 -3.77 8.16
CA PHE A 39 0.16 -3.61 8.11
C PHE A 39 1.39 -4.37 7.54
C PHE A 39 1.36 -4.46 7.71
N ILE A 40 2.53 -3.98 8.10
CA ILE A 40 3.78 -4.64 7.78
C ILE A 40 3.91 -5.90 8.62
N GLU A 41 4.32 -6.98 7.98
CA GLU A 41 4.61 -8.28 8.59
C GLU A 41 6.09 -8.50 8.83
N ASP A 42 6.92 -8.09 7.88
CA ASP A 42 8.36 -8.32 7.93
C ASP A 42 9.00 -7.44 6.87
N VAL A 43 10.26 -7.12 7.06
CA VAL A 43 11.03 -6.33 6.10
C VAL A 43 12.34 -7.04 5.86
N THR A 44 12.67 -7.26 4.59
N THR A 44 12.72 -7.19 4.60
CA THR A 44 13.97 -7.78 4.19
CA THR A 44 14.03 -7.75 4.28
C THR A 44 14.62 -6.79 3.23
C THR A 44 14.68 -6.93 3.19
N HIS A 45 15.90 -6.52 3.43
CA HIS A 45 16.60 -5.61 2.53
C HIS A 45 17.33 -6.38 1.45
N VAL A 46 17.38 -5.78 0.27
CA VAL A 46 18.07 -6.32 -0.88
C VAL A 46 19.11 -5.29 -1.33
N PRO A 47 20.24 -5.18 -0.64
CA PRO A 47 21.15 -4.06 -0.92
C PRO A 47 21.64 -4.02 -2.36
N GLU A 48 21.84 -5.17 -2.98
CA GLU A 48 22.36 -5.20 -4.35
C GLU A 48 21.43 -4.45 -5.33
N GLN A 49 20.13 -4.44 -5.06
CA GLN A 49 19.18 -3.69 -5.86
C GLN A 49 18.71 -2.41 -5.19
N GLN A 50 19.27 -2.07 -4.02
CA GLN A 50 18.93 -0.86 -3.29
C GLN A 50 17.42 -0.75 -3.07
N VAL A 51 16.80 -1.88 -2.76
CA VAL A 51 15.39 -1.93 -2.43
C VAL A 51 15.23 -2.70 -1.14
N SER A 52 14.09 -2.47 -0.50
CA SER A 52 13.63 -3.31 0.59
C SER A 52 12.38 -4.04 0.13
N VAL A 53 12.24 -5.27 0.59
CA VAL A 53 11.02 -6.05 0.38
C VAL A 53 10.21 -5.99 1.65
N ILE A 54 8.99 -5.47 1.56
N ILE A 54 8.97 -5.53 1.54
CA ILE A 54 8.10 -5.36 2.70
CA ILE A 54 8.08 -5.34 2.67
C ILE A 54 6.99 -6.40 2.54
C ILE A 54 6.95 -6.38 2.54
N TYR A 55 6.92 -7.32 3.48
CA TYR A 55 5.84 -8.30 3.55
C TYR A 55 4.66 -7.70 4.30
N LEU A 56 3.47 -7.82 3.70
CA LEU A 56 2.28 -7.14 4.16
C LEU A 56 1.18 -8.12 4.51
N ARG A 57 0.48 -7.86 5.60
CA ARG A 57 -0.74 -8.57 5.98
C ARG A 57 -1.88 -7.60 5.69
N VAL A 58 -2.67 -7.91 4.68
CA VAL A 58 -3.72 -7.01 4.19
C VAL A 58 -5.05 -7.42 4.80
N ASN A 59 -5.81 -6.44 5.29
CA ASN A 59 -7.15 -6.72 5.82
C ASN A 59 -8.26 -6.15 4.95
N ARG A 60 -7.96 -5.29 3.98
CA ARG A 60 -8.93 -4.87 2.97
C ARG A 60 -8.22 -4.78 1.63
N LEU A 61 -8.74 -5.48 0.63
CA LEU A 61 -8.11 -5.51 -0.68
C LEU A 61 -9.03 -4.79 -1.66
N HIS A 62 -8.66 -3.57 -2.05
CA HIS A 62 -9.53 -2.81 -2.95
C HIS A 62 -9.31 -3.18 -4.41
N ARG A 63 -8.07 -3.41 -4.81
CA ARG A 63 -7.74 -3.72 -6.19
C ARG A 63 -6.33 -4.29 -6.22
N GLN A 64 -6.07 -5.17 -7.17
CA GLN A 64 -4.69 -5.61 -7.39
C GLN A 64 -4.53 -6.14 -8.81
N LYS A 65 -3.30 -6.61 -9.11
CA LYS A 65 -2.87 -7.13 -10.40
C LYS A 65 -1.95 -8.31 -10.15
N SER A 66 -2.04 -9.34 -11.00
CA SER A 66 -1.10 -10.46 -11.05
C SER A 66 -1.05 -11.27 -9.74
N ARG A 67 -2.11 -11.22 -8.95
CA ARG A 67 -2.25 -12.02 -7.75
C ARG A 67 -1.09 -11.82 -6.79
N VAL A 68 -0.66 -10.56 -6.64
N VAL A 68 -0.69 -10.56 -6.61
CA VAL A 68 0.39 -10.26 -5.68
CA VAL A 68 0.41 -10.28 -5.69
C VAL A 68 -0.04 -10.71 -4.29
C VAL A 68 0.01 -10.56 -4.25
N PHE A 69 -1.29 -10.43 -3.93
CA PHE A 69 -1.82 -10.72 -2.60
C PHE A 69 -2.72 -11.94 -2.68
N GLN A 70 -2.50 -12.91 -1.77
CA GLN A 70 -3.24 -14.16 -1.77
C GLN A 70 -3.77 -14.45 -0.37
N PRO A 71 -4.88 -15.17 -0.28
CA PRO A 71 -5.48 -15.43 1.04
C PRO A 71 -4.54 -16.11 2.01
N ALA A 72 -4.56 -15.64 3.26
CA ALA A 72 -3.90 -16.32 4.36
C ALA A 72 -4.84 -17.36 4.90
N PRO A 73 -4.57 -18.68 4.73
CA PRO A 73 -5.53 -19.69 5.20
C PRO A 73 -5.90 -19.54 6.67
N GLU A 74 -4.93 -19.63 7.56
CA GLU A 74 -5.23 -19.55 9.00
C GLU A 74 -5.93 -18.25 9.35
N ASP A 75 -5.49 -17.13 8.76
CA ASP A 75 -5.89 -15.80 9.17
C ASP A 75 -7.03 -15.33 8.27
N SER A 76 -8.24 -15.80 8.61
CA SER A 76 -9.42 -15.46 7.83
C SER A 76 -9.56 -13.95 7.71
N GLY A 77 -10.10 -13.52 6.56
CA GLY A 77 -10.29 -12.12 6.27
C GLY A 77 -9.06 -11.37 5.82
N HIS A 78 -7.91 -12.03 5.73
CA HIS A 78 -6.64 -11.37 5.44
C HIS A 78 -5.95 -12.00 4.24
N TRP A 79 -5.08 -11.21 3.63
CA TRP A 79 -4.23 -11.64 2.54
C TRP A 79 -2.77 -11.36 2.89
N LEU A 80 -1.86 -12.07 2.22
CA LEU A 80 -0.43 -11.86 2.41
C LEU A 80 0.22 -11.63 1.06
N GLY A 81 1.17 -10.70 1.02
CA GLY A 81 1.94 -10.47 -0.18
C GLY A 81 3.15 -9.64 0.18
N HIS A 82 3.96 -9.31 -0.82
CA HIS A 82 5.11 -8.46 -0.58
C HIS A 82 5.24 -7.42 -1.69
N VAL A 83 5.80 -6.28 -1.32
CA VAL A 83 5.98 -5.15 -2.22
C VAL A 83 7.42 -4.69 -2.05
N THR A 84 7.93 -4.00 -3.07
CA THR A 84 9.25 -3.41 -2.94
C THR A 84 9.17 -1.91 -2.75
N THR A 85 10.20 -1.37 -2.10
CA THR A 85 10.32 0.06 -1.84
C THR A 85 11.79 0.39 -1.89
N LEU A 86 12.09 1.65 -2.17
CA LEU A 86 13.48 2.08 -2.13
C LEU A 86 14.06 1.79 -0.76
N LEU A 87 15.31 1.37 -0.71
CA LEU A 87 15.92 1.02 0.57
C LEU A 87 15.84 2.18 1.55
N GLN A 88 15.94 3.41 1.08
CA GLN A 88 15.89 4.61 1.96
C GLN A 88 14.55 4.63 2.69
N CYS A 89 13.49 4.10 2.07
CA CYS A 89 12.13 4.06 2.68
C CYS A 89 11.97 2.82 3.58
N GLY A 90 12.60 1.70 3.28
CA GLY A 90 12.38 0.45 4.02
C GLY A 90 13.11 0.38 5.35
N VAL A 91 14.10 1.23 5.57
CA VAL A 91 14.93 1.20 6.82
C VAL A 91 14.18 1.92 7.95
N ARG A 92 13.27 2.83 7.61
CA ARG A 92 12.40 3.50 8.61
C ARG A 92 10.99 3.22 8.11
N PRO A 93 10.56 1.94 8.08
CA PRO A 93 9.29 1.61 7.47
C PRO A 93 8.13 2.22 8.25
N GLY A 94 8.23 2.21 9.58
CA GLY A 94 7.18 2.76 10.43
C GLY A 94 6.34 1.70 11.08
N HIS A 95 5.32 2.11 11.83
CA HIS A 95 4.47 1.25 12.62
C HIS A 95 3.00 1.47 12.24
N GLY A 96 2.18 0.49 12.56
CA GLY A 96 0.75 0.68 12.49
C GLY A 96 0.18 0.31 11.13
N GLU A 97 -0.97 0.94 10.87
CA GLU A 97 -1.79 0.59 9.72
C GLU A 97 -1.61 1.60 8.60
N PHE A 98 -1.64 1.12 7.36
CA PHE A 98 -1.39 1.99 6.22
C PHE A 98 -2.39 1.72 5.11
N LEU A 99 -2.58 2.70 4.24
CA LEU A 99 -3.14 2.48 2.92
C LEU A 99 -1.96 2.40 1.95
N PHE A 100 -1.76 1.24 1.36
CA PHE A 100 -0.67 1.00 0.41
C PHE A 100 -1.22 1.06 -1.02
N THR A 101 -0.56 1.84 -1.87
CA THR A 101 -0.89 1.85 -3.30
C THR A 101 0.37 1.59 -4.12
N GLY A 102 0.22 1.09 -5.34
CA GLY A 102 1.39 0.94 -6.17
C GLY A 102 1.11 0.22 -7.46
N HIS A 103 2.20 -0.23 -8.07
CA HIS A 103 2.23 -0.67 -9.46
C HIS A 103 2.80 -2.08 -9.51
N VAL A 104 2.33 -2.85 -10.48
CA VAL A 104 2.80 -4.21 -10.64
C VAL A 104 3.40 -4.33 -12.02
N HIS A 105 4.65 -4.76 -12.08
CA HIS A 105 5.32 -5.03 -13.34
C HIS A 105 6.00 -6.38 -13.29
N PHE A 106 5.70 -7.23 -14.26
CA PHE A 106 6.34 -8.53 -14.36
C PHE A 106 6.12 -9.30 -13.06
N GLY A 107 4.92 -9.14 -12.52
CA GLY A 107 4.47 -9.88 -11.37
C GLY A 107 4.98 -9.39 -10.04
N GLU A 108 5.71 -8.29 -10.01
CA GLU A 108 6.33 -7.78 -8.79
C GLU A 108 5.73 -6.42 -8.46
N ALA A 109 5.21 -6.30 -7.25
CA ALA A 109 4.56 -5.06 -6.84
C ALA A 109 5.61 -4.10 -6.29
N GLN A 110 5.50 -2.84 -6.71
CA GLN A 110 6.37 -1.79 -6.19
C GLN A 110 5.51 -0.71 -5.58
N LEU A 111 5.90 -0.27 -4.40
CA LEU A 111 5.11 0.67 -3.63
C LEU A 111 5.15 2.05 -4.26
N GLY A 112 3.97 2.67 -4.34
CA GLY A 112 3.86 4.04 -4.79
C GLY A 112 3.64 5.02 -3.65
N CYS A 113 2.61 4.78 -2.85
CA CYS A 113 2.25 5.62 -1.72
C CYS A 113 1.92 4.72 -0.52
N ALA A 114 2.13 5.23 0.68
CA ALA A 114 1.79 4.48 1.88
C ALA A 114 1.47 5.43 3.02
N PRO A 115 0.45 6.25 2.90
CA PRO A 115 0.02 7.09 4.04
C PRO A 115 -0.45 6.23 5.20
N ARG A 116 -0.20 6.70 6.42
CA ARG A 116 -0.83 6.08 7.59
C ARG A 116 -2.33 6.04 7.38
N PHE A 117 -2.97 4.94 7.77
CA PHE A 117 -4.35 4.78 7.34
C PHE A 117 -5.24 5.86 7.94
N SER A 118 -5.05 6.19 9.22
CA SER A 118 -5.87 7.21 9.85
C SER A 118 -5.66 8.57 9.21
N ASP A 119 -4.43 8.86 8.75
CA ASP A 119 -4.21 10.08 7.99
C ASP A 119 -4.94 10.04 6.66
N PHE A 120 -4.88 8.90 5.97
CA PHE A 120 -5.57 8.76 4.71
C PHE A 120 -7.07 8.97 4.87
N GLN A 121 -7.67 8.36 5.89
CA GLN A 121 -9.12 8.49 6.08
C GLN A 121 -9.52 9.95 6.23
N ARG A 122 -8.73 10.70 6.97
CA ARG A 122 -9.05 12.11 7.20
C ARG A 122 -8.94 12.91 5.91
N MET A 123 -7.86 12.69 5.16
CA MET A 123 -7.70 13.36 3.88
C MET A 123 -8.85 13.03 2.94
N TYR A 124 -9.18 11.74 2.83
CA TYR A 124 -10.20 11.30 1.89
C TYR A 124 -11.57 11.87 2.25
N ARG A 125 -11.91 11.89 3.55
CA ARG A 125 -13.19 12.45 3.95
C ARG A 125 -13.29 13.92 3.57
N LYS A 126 -12.21 14.67 3.76
CA LYS A 126 -12.20 16.07 3.34
C LYS A 126 -12.34 16.17 1.82
N ALA A 127 -11.59 15.34 1.07
CA ALA A 127 -11.70 15.41 -0.38
C ALA A 127 -13.13 15.10 -0.81
N GLU A 128 -13.73 14.08 -0.20
CA GLU A 128 -15.10 13.70 -0.56
C GLU A 128 -16.07 14.83 -0.25
N GLU A 129 -15.89 15.48 0.91
CA GLU A 129 -16.73 16.63 1.27
C GLU A 129 -16.62 17.74 0.23
N MET A 130 -15.41 17.98 -0.28
CA MET A 130 -15.20 18.99 -1.29
C MET A 130 -15.68 18.55 -2.66
N GLY A 131 -15.83 17.25 -2.88
CA GLY A 131 -16.19 16.74 -4.18
C GLY A 131 -15.03 16.62 -5.16
N ILE A 132 -13.78 16.70 -4.70
CA ILE A 132 -12.64 16.71 -5.59
C ILE A 132 -12.00 15.34 -5.82
N ASN A 133 -12.46 14.31 -5.14
CA ASN A 133 -11.92 12.99 -5.36
C ASN A 133 -12.37 12.43 -6.70
N PRO A 134 -11.45 12.06 -7.63
CA PRO A 134 -11.85 11.62 -8.96
C PRO A 134 -12.59 10.28 -8.94
N CYS A 135 -12.42 9.49 -7.88
CA CYS A 135 -13.11 8.19 -7.73
C CYS A 135 -13.39 7.90 -6.26
N GLU A 136 -14.23 6.92 -6.00
CA GLU A 136 -14.62 6.58 -4.61
C GLU A 136 -14.01 5.23 -4.21
N ILE A 137 -13.63 5.09 -2.95
CA ILE A 137 -13.17 3.79 -2.39
C ILE A 137 -13.83 3.69 -1.02
N ASN A 138 -13.96 2.48 -0.47
CA ASN A 138 -14.45 2.31 0.93
C ASN A 138 -13.58 1.23 1.56
N MET A 139 -12.60 1.63 2.37
CA MET A 139 -11.65 0.67 3.03
C MET A 139 -12.14 0.40 4.45
N GLU A 140 -13.40 0.76 4.75
CA GLU A 140 -14.04 0.49 6.07
C GLU A 140 -13.72 1.62 7.05
#